data_2KSZ
#
_entry.id   2KSZ
#
loop_
_entity.id
_entity.type
_entity.pdbx_description
1 polymer 'Putative uncharacterized protein'
2 non-polymer 'MAGNESIUM ION'
#
_entity_poly.entity_id   1
_entity_poly.type   'polypeptide(L)'
_entity_poly.pdbx_seq_one_letter_code
;ADILSEEQIVDFKEAFGLFDKDGDGCITVEELATVIRSLDQNPTEEELQDMISEVDADGNGTIEFDEFLSLMAKKV
;
_entity_poly.pdbx_strand_id   A
#
loop_
_chem_comp.id
_chem_comp.type
_chem_comp.name
_chem_comp.formula
MG non-polymer 'MAGNESIUM ION' 'Mg 2'
#
# COMPACT_ATOMS: atom_id res chain seq x y z
N ALA A 1 5.57 15.80 2.13
CA ALA A 1 6.98 15.41 1.87
C ALA A 1 7.57 14.79 3.13
N ASP A 2 7.64 13.46 3.15
CA ASP A 2 8.19 12.74 4.30
C ASP A 2 8.63 11.35 3.90
N ILE A 3 9.11 10.58 4.88
CA ILE A 3 9.58 9.20 4.62
C ILE A 3 9.05 8.26 5.69
N LEU A 4 8.85 7.01 5.31
CA LEU A 4 8.37 6.01 6.25
C LEU A 4 9.29 5.91 7.46
N SER A 5 8.77 5.36 8.55
CA SER A 5 9.54 5.20 9.78
C SER A 5 10.21 3.82 9.82
N GLU A 6 11.52 3.81 10.01
CA GLU A 6 12.27 2.55 10.05
C GLU A 6 11.48 1.45 10.74
N GLU A 7 11.36 1.56 12.05
CA GLU A 7 10.62 0.56 12.83
C GLU A 7 9.27 0.26 12.18
N GLN A 8 8.71 1.25 11.48
CA GLN A 8 7.42 1.07 10.82
C GLN A 8 7.60 0.29 9.51
N ILE A 9 8.80 0.37 8.93
CA ILE A 9 9.08 -0.34 7.68
C ILE A 9 9.07 -1.85 7.93
N VAL A 10 9.59 -2.24 9.11
CA VAL A 10 9.64 -3.66 9.45
C VAL A 10 8.26 -4.17 9.85
N ASP A 11 7.55 -3.40 10.66
CA ASP A 11 6.23 -3.79 11.11
C ASP A 11 5.32 -4.09 9.91
N PHE A 12 5.28 -3.16 8.96
CA PHE A 12 4.45 -3.33 7.78
C PHE A 12 4.97 -4.49 6.93
N LYS A 13 6.28 -4.55 6.75
CA LYS A 13 6.87 -5.62 5.95
C LYS A 13 6.49 -6.98 6.52
N GLU A 14 6.52 -7.11 7.84
CA GLU A 14 6.17 -8.36 8.49
C GLU A 14 4.75 -8.76 8.13
N ALA A 15 3.83 -7.80 8.21
CA ALA A 15 2.44 -8.06 7.87
C ALA A 15 2.28 -8.32 6.38
N PHE A 16 3.15 -7.69 5.59
CA PHE A 16 3.10 -7.85 4.14
C PHE A 16 3.52 -9.26 3.73
N GLY A 17 4.65 -9.70 4.27
CA GLY A 17 5.16 -11.03 3.95
C GLY A 17 4.22 -12.11 4.48
N LEU A 18 3.53 -11.82 5.58
CA LEU A 18 2.61 -12.78 6.14
C LEU A 18 1.36 -12.91 5.28
N PHE A 19 0.87 -11.78 4.78
CA PHE A 19 -0.32 -11.78 3.92
C PHE A 19 0.07 -12.00 2.47
N ASP A 20 1.36 -11.85 2.16
CA ASP A 20 1.85 -12.05 0.80
C ASP A 20 2.78 -13.27 0.75
N LYS A 21 2.27 -14.40 0.27
CA LYS A 21 3.06 -15.63 0.18
C LYS A 21 3.36 -15.96 -1.27
N ASP A 22 2.44 -15.60 -2.15
CA ASP A 22 2.60 -15.87 -3.58
C ASP A 22 4.02 -15.51 -4.03
N GLY A 23 4.72 -14.75 -3.20
CA GLY A 23 6.08 -14.33 -3.51
C GLY A 23 6.10 -13.35 -4.67
N ASP A 24 4.95 -13.19 -5.33
CA ASP A 24 4.85 -12.27 -6.45
C ASP A 24 5.40 -10.90 -6.08
N GLY A 25 5.65 -10.71 -4.79
CA GLY A 25 6.18 -9.43 -4.31
C GLY A 25 5.10 -8.36 -4.29
N CYS A 26 4.68 -7.93 -5.47
CA CYS A 26 3.64 -6.90 -5.57
C CYS A 26 2.29 -7.46 -5.14
N ILE A 27 1.31 -6.57 -4.98
CA ILE A 27 -0.03 -6.96 -4.57
C ILE A 27 -1.08 -6.20 -5.38
N THR A 28 -2.32 -6.69 -5.34
CA THR A 28 -3.42 -6.06 -6.04
C THR A 28 -4.04 -4.96 -5.20
N VAL A 29 -5.17 -4.43 -5.65
CA VAL A 29 -5.86 -3.37 -4.93
C VAL A 29 -6.66 -3.95 -3.77
N GLU A 30 -7.24 -5.14 -3.99
CA GLU A 30 -8.04 -5.79 -2.96
C GLU A 30 -7.17 -6.17 -1.77
N GLU A 31 -6.05 -6.83 -2.03
CA GLU A 31 -5.14 -7.25 -0.97
C GLU A 31 -4.99 -6.15 0.07
N LEU A 32 -4.45 -5.01 -0.36
CA LEU A 32 -4.26 -3.89 0.57
C LEU A 32 -5.60 -3.43 1.15
N ALA A 33 -6.64 -3.41 0.32
CA ALA A 33 -7.95 -2.99 0.79
C ALA A 33 -8.28 -3.63 2.14
N THR A 34 -8.46 -4.94 2.15
CA THR A 34 -8.75 -5.65 3.39
C THR A 34 -7.77 -5.25 4.49
N VAL A 35 -6.48 -5.32 4.18
CA VAL A 35 -5.45 -4.97 5.17
C VAL A 35 -5.75 -3.60 5.77
N ILE A 36 -6.37 -2.72 4.99
CA ILE A 36 -6.70 -1.38 5.45
C ILE A 36 -7.79 -1.48 6.53
N ARG A 37 -8.70 -2.44 6.36
CA ARG A 37 -9.78 -2.62 7.32
C ARG A 37 -9.23 -3.12 8.66
N SER A 38 -8.31 -4.07 8.61
CA SER A 38 -7.73 -4.62 9.83
C SER A 38 -6.87 -3.58 10.55
N LEU A 39 -6.14 -2.79 9.78
CA LEU A 39 -5.30 -1.76 10.36
C LEU A 39 -6.16 -0.75 11.14
N ASP A 40 -5.81 -0.55 12.40
CA ASP A 40 -6.55 0.37 13.26
C ASP A 40 -6.41 1.80 12.76
N GLN A 41 -6.96 2.07 11.57
CA GLN A 41 -6.89 3.40 10.97
C GLN A 41 -8.22 3.76 10.31
N ASN A 42 -8.34 4.99 9.84
CA ASN A 42 -9.56 5.45 9.17
C ASN A 42 -9.22 6.40 8.03
N PRO A 43 -8.60 5.89 7.00
CA PRO A 43 -8.21 6.71 5.82
C PRO A 43 -9.36 6.86 4.83
N THR A 44 -9.46 8.05 4.22
CA THR A 44 -10.51 8.32 3.26
C THR A 44 -10.36 7.42 2.03
N GLU A 45 -11.45 6.78 1.64
CA GLU A 45 -11.43 5.88 0.49
C GLU A 45 -11.30 6.67 -0.80
N GLU A 46 -11.96 7.83 -0.84
CA GLU A 46 -11.91 8.68 -2.04
C GLU A 46 -10.48 8.86 -2.50
N GLU A 47 -9.57 9.07 -1.55
CA GLU A 47 -8.16 9.27 -1.89
C GLU A 47 -7.62 8.06 -2.64
N LEU A 48 -7.72 6.88 -2.02
CA LEU A 48 -7.23 5.66 -2.64
C LEU A 48 -7.64 5.60 -4.11
N GLN A 49 -8.90 5.91 -4.39
CA GLN A 49 -9.38 5.88 -5.76
C GLN A 49 -8.56 6.83 -6.63
N ASP A 50 -8.36 8.06 -6.16
CA ASP A 50 -7.58 9.04 -6.89
C ASP A 50 -6.13 8.61 -7.03
N MET A 51 -5.52 8.22 -5.92
CA MET A 51 -4.11 7.81 -5.93
C MET A 51 -3.91 6.54 -6.77
N ILE A 52 -4.50 5.45 -6.31
CA ILE A 52 -4.37 4.18 -7.03
C ILE A 52 -4.58 4.40 -8.53
N SER A 53 -5.62 5.14 -8.88
CA SER A 53 -5.90 5.42 -10.29
C SER A 53 -4.91 6.42 -10.86
N GLU A 54 -4.26 7.18 -9.97
CA GLU A 54 -3.27 8.19 -10.38
C GLU A 54 -1.85 7.72 -10.07
N VAL A 55 -1.72 6.46 -9.66
CA VAL A 55 -0.41 5.88 -9.33
C VAL A 55 -0.14 4.63 -10.15
N ASP A 56 -1.20 3.86 -10.39
CA ASP A 56 -1.07 2.63 -11.16
C ASP A 56 -0.43 2.91 -12.52
N ALA A 57 0.90 2.91 -12.53
CA ALA A 57 1.64 3.17 -13.78
C ALA A 57 1.55 1.96 -14.70
N ASP A 58 1.84 0.78 -14.16
CA ASP A 58 1.79 -0.45 -14.94
C ASP A 58 0.49 -0.53 -15.72
N GLY A 59 -0.56 0.08 -15.17
CA GLY A 59 -1.87 0.06 -15.82
C GLY A 59 -2.55 -1.28 -15.62
N ASN A 60 -2.00 -2.09 -14.72
CA ASN A 60 -2.58 -3.42 -14.43
C ASN A 60 -3.61 -3.32 -13.31
N GLY A 61 -3.79 -2.11 -12.78
CA GLY A 61 -4.75 -1.90 -11.70
C GLY A 61 -4.34 -2.66 -10.45
N THR A 62 -3.03 -2.64 -10.15
CA THR A 62 -2.51 -3.34 -8.98
C THR A 62 -1.48 -2.46 -8.27
N ILE A 63 -1.35 -2.66 -6.95
CA ILE A 63 -0.40 -1.90 -6.16
C ILE A 63 0.97 -2.57 -6.17
N GLU A 64 2.02 -1.78 -5.98
CA GLU A 64 3.39 -2.31 -5.97
C GLU A 64 4.23 -1.58 -4.93
N PHE A 65 5.49 -1.98 -4.81
CA PHE A 65 6.40 -1.36 -3.86
C PHE A 65 6.42 0.16 -4.04
N ASP A 66 7.16 0.63 -5.05
CA ASP A 66 7.23 2.06 -5.31
C ASP A 66 5.85 2.69 -5.25
N GLU A 67 4.90 2.13 -6.01
CA GLU A 67 3.55 2.65 -6.01
C GLU A 67 3.03 2.83 -4.58
N PHE A 68 3.39 1.91 -3.70
CA PHE A 68 2.96 1.99 -2.31
C PHE A 68 3.71 3.09 -1.56
N LEU A 69 5.01 3.19 -1.83
CA LEU A 69 5.84 4.20 -1.20
C LEU A 69 5.41 5.61 -1.63
N SER A 70 5.10 5.74 -2.91
CA SER A 70 4.67 7.02 -3.46
C SER A 70 3.37 7.48 -2.80
N LEU A 71 2.45 6.54 -2.63
CA LEU A 71 1.16 6.84 -2.02
C LEU A 71 1.35 7.38 -0.61
N MET A 72 2.31 6.80 0.11
CA MET A 72 2.60 7.24 1.48
C MET A 72 3.27 8.60 1.48
N ALA A 73 4.25 8.77 0.60
CA ALA A 73 4.98 10.02 0.50
C ALA A 73 4.03 11.21 0.45
N LYS A 74 3.00 11.09 -0.38
CA LYS A 74 2.01 12.16 -0.53
C LYS A 74 0.99 12.11 0.61
N LYS A 75 0.46 10.92 0.87
CA LYS A 75 -0.53 10.77 1.93
C LYS A 75 0.05 11.18 3.28
N VAL A 76 1.17 10.54 3.66
CA VAL A 76 1.81 10.85 4.93
C VAL A 76 2.28 12.31 4.94
MG MG B . 0.42 -10.37 -3.86
MG MG C . 0.49 -1.05 -11.00
N ALA A 1 5.44 15.76 2.16
CA ALA A 1 6.85 15.38 1.87
C ALA A 1 7.48 14.78 3.12
N ASP A 2 7.58 13.45 3.15
CA ASP A 2 8.15 12.75 4.28
C ASP A 2 8.59 11.35 3.88
N ILE A 3 9.11 10.59 4.85
CA ILE A 3 9.57 9.24 4.58
C ILE A 3 9.10 8.29 5.69
N LEU A 4 8.88 7.03 5.34
CA LEU A 4 8.43 6.05 6.31
C LEU A 4 9.41 5.97 7.48
N SER A 5 8.98 5.31 8.55
CA SER A 5 9.81 5.15 9.74
C SER A 5 10.47 3.78 9.76
N GLU A 6 11.79 3.75 9.91
CA GLU A 6 12.54 2.49 9.93
C GLU A 6 11.75 1.38 10.63
N GLU A 7 11.65 1.49 11.94
CA GLU A 7 10.92 0.50 12.73
C GLU A 7 9.55 0.21 12.12
N GLN A 8 8.99 1.20 11.42
CA GLN A 8 7.70 1.03 10.78
C GLN A 8 7.83 0.27 9.47
N ILE A 9 9.02 0.36 8.85
CA ILE A 9 9.25 -0.35 7.59
C ILE A 9 9.25 -1.86 7.85
N VAL A 10 9.77 -2.26 9.01
CA VAL A 10 9.82 -3.68 9.34
C VAL A 10 8.45 -4.18 9.77
N ASP A 11 7.77 -3.41 10.60
CA ASP A 11 6.45 -3.80 11.08
C ASP A 11 5.51 -4.08 9.91
N PHE A 12 5.46 -3.15 8.96
CA PHE A 12 4.60 -3.31 7.79
C PHE A 12 5.09 -4.47 6.93
N LYS A 13 6.40 -4.53 6.71
CA LYS A 13 6.97 -5.60 5.89
C LYS A 13 6.60 -6.96 6.47
N GLU A 14 6.67 -7.08 7.79
CA GLU A 14 6.34 -8.35 8.45
C GLU A 14 4.90 -8.75 8.13
N ALA A 15 3.99 -7.78 8.22
CA ALA A 15 2.58 -8.03 7.93
C ALA A 15 2.39 -8.31 6.44
N PHE A 16 3.23 -7.68 5.62
CA PHE A 16 3.14 -7.86 4.17
C PHE A 16 3.56 -9.27 3.77
N GLY A 17 4.71 -9.70 4.27
CA GLY A 17 5.23 -11.02 3.95
C GLY A 17 4.30 -12.11 4.49
N LEU A 18 3.64 -11.82 5.60
CA LEU A 18 2.71 -12.79 6.19
C LEU A 18 1.45 -12.91 5.33
N PHE A 19 0.97 -11.78 4.83
CA PHE A 19 -0.22 -11.76 3.99
C PHE A 19 0.14 -12.01 2.54
N ASP A 20 1.43 -11.86 2.21
CA ASP A 20 1.90 -12.08 0.83
C ASP A 20 2.83 -13.29 0.79
N LYS A 21 2.32 -14.43 0.33
CA LYS A 21 3.12 -15.65 0.24
C LYS A 21 3.39 -16.01 -1.21
N ASP A 22 2.46 -15.66 -2.09
CA ASP A 22 2.61 -15.95 -3.51
C ASP A 22 4.02 -15.59 -3.98
N GLY A 23 4.73 -14.81 -3.18
CA GLY A 23 6.07 -14.40 -3.52
C GLY A 23 6.07 -13.44 -4.69
N ASP A 24 4.92 -13.29 -5.33
CA ASP A 24 4.79 -12.40 -6.48
C ASP A 24 5.33 -11.01 -6.13
N GLY A 25 5.58 -10.79 -4.85
CA GLY A 25 6.11 -9.50 -4.41
C GLY A 25 5.01 -8.44 -4.42
N CYS A 26 4.59 -8.04 -5.60
CA CYS A 26 3.55 -7.02 -5.73
C CYS A 26 2.20 -7.57 -5.25
N ILE A 27 1.22 -6.68 -5.11
CA ILE A 27 -0.11 -7.07 -4.66
C ILE A 27 -1.18 -6.34 -5.47
N THR A 28 -2.42 -6.83 -5.39
CA THR A 28 -3.53 -6.22 -6.10
C THR A 28 -4.15 -5.10 -5.26
N VAL A 29 -5.29 -4.59 -5.71
CA VAL A 29 -5.96 -3.52 -4.99
C VAL A 29 -6.75 -4.09 -3.81
N GLU A 30 -7.33 -5.27 -4.01
CA GLU A 30 -8.11 -5.92 -2.95
C GLU A 30 -7.22 -6.27 -1.77
N GLU A 31 -6.10 -6.93 -2.04
CA GLU A 31 -5.18 -7.32 -0.98
C GLU A 31 -5.02 -6.19 0.03
N LEU A 32 -4.50 -5.05 -0.42
CA LEU A 32 -4.29 -3.93 0.47
C LEU A 32 -5.63 -3.47 1.06
N ALA A 33 -6.68 -3.47 0.25
CA ALA A 33 -7.99 -3.05 0.72
C ALA A 33 -8.29 -3.66 2.09
N THR A 34 -8.47 -4.98 2.12
CA THR A 34 -8.74 -5.66 3.38
C THR A 34 -7.76 -5.24 4.46
N VAL A 35 -6.46 -5.31 4.14
CA VAL A 35 -5.43 -4.92 5.10
C VAL A 35 -5.73 -3.54 5.69
N ILE A 36 -6.35 -2.68 4.89
CA ILE A 36 -6.69 -1.33 5.34
C ILE A 36 -7.77 -1.42 6.42
N ARG A 37 -8.67 -2.38 6.29
CA ARG A 37 -9.73 -2.55 7.27
C ARG A 37 -9.17 -3.02 8.61
N SER A 38 -8.22 -3.97 8.56
CA SER A 38 -7.62 -4.50 9.79
C SER A 38 -6.76 -3.43 10.46
N LEU A 39 -6.05 -2.64 9.67
CA LEU A 39 -5.22 -1.59 10.21
C LEU A 39 -6.07 -0.59 10.99
N ASP A 40 -5.72 -0.38 12.25
CA ASP A 40 -6.44 0.56 13.10
C ASP A 40 -6.31 1.98 12.58
N GLN A 41 -6.89 2.24 11.40
CA GLN A 41 -6.82 3.57 10.80
C GLN A 41 -8.16 3.91 10.14
N ASN A 42 -8.27 5.15 9.66
CA ASN A 42 -9.50 5.60 9.00
C ASN A 42 -9.18 6.53 7.84
N PRO A 43 -8.56 6.01 6.80
CA PRO A 43 -8.19 6.82 5.62
C PRO A 43 -9.35 6.97 4.63
N THR A 44 -9.44 8.14 4.01
CA THR A 44 -10.50 8.41 3.06
C THR A 44 -10.35 7.52 1.84
N GLU A 45 -11.45 6.90 1.42
CA GLU A 45 -11.42 6.01 0.26
C GLU A 45 -11.28 6.81 -1.03
N GLU A 46 -11.88 7.99 -1.05
CA GLU A 46 -11.81 8.84 -2.23
C GLU A 46 -10.37 9.02 -2.67
N GLU A 47 -9.48 9.27 -1.72
CA GLU A 47 -8.08 9.46 -2.04
C GLU A 47 -7.52 8.24 -2.77
N LEU A 48 -7.58 7.09 -2.12
CA LEU A 48 -7.08 5.85 -2.72
C LEU A 48 -7.52 5.75 -4.18
N GLN A 49 -8.79 6.02 -4.42
CA GLN A 49 -9.31 5.95 -5.79
C GLN A 49 -8.54 6.89 -6.70
N ASP A 50 -8.34 8.12 -6.26
CA ASP A 50 -7.60 9.11 -7.04
C ASP A 50 -6.15 8.68 -7.23
N MET A 51 -5.49 8.34 -6.13
CA MET A 51 -4.08 7.93 -6.19
C MET A 51 -3.91 6.65 -7.01
N ILE A 52 -4.49 5.56 -6.52
CA ILE A 52 -4.38 4.29 -7.22
C ILE A 52 -4.57 4.48 -8.73
N SER A 53 -5.61 5.22 -9.10
CA SER A 53 -5.88 5.48 -10.51
C SER A 53 -4.85 6.44 -11.09
N GLU A 54 -4.21 7.23 -10.22
CA GLU A 54 -3.19 8.20 -10.67
C GLU A 54 -1.78 7.71 -10.29
N VAL A 55 -1.68 6.47 -9.83
CA VAL A 55 -0.40 5.89 -9.43
C VAL A 55 -0.12 4.62 -10.21
N ASP A 56 -1.16 3.82 -10.44
CA ASP A 56 -1.02 2.58 -11.17
C ASP A 56 -0.38 2.83 -12.53
N ALA A 57 0.95 2.86 -12.55
CA ALA A 57 1.68 3.09 -13.79
C ALA A 57 1.60 1.88 -14.69
N ASP A 58 1.89 0.71 -14.14
CA ASP A 58 1.84 -0.54 -14.90
C ASP A 58 0.55 -0.62 -15.70
N GLY A 59 -0.49 0.02 -15.19
CA GLY A 59 -1.79 0.01 -15.86
C GLY A 59 -2.50 -1.32 -15.65
N ASN A 60 -1.97 -2.14 -14.75
CA ASN A 60 -2.56 -3.45 -14.45
C ASN A 60 -3.58 -3.33 -13.34
N GLY A 61 -3.74 -2.12 -12.81
CA GLY A 61 -4.70 -1.89 -11.73
C GLY A 61 -4.30 -2.67 -10.48
N THR A 62 -3.02 -2.62 -10.13
CA THR A 62 -2.52 -3.33 -8.95
C THR A 62 -1.52 -2.45 -8.19
N ILE A 63 -1.39 -2.72 -6.89
CA ILE A 63 -0.47 -1.95 -6.06
C ILE A 63 0.90 -2.62 -6.03
N GLU A 64 1.94 -1.84 -5.79
CA GLU A 64 3.31 -2.35 -5.75
C GLU A 64 4.14 -1.58 -4.71
N PHE A 65 5.41 -1.95 -4.60
CA PHE A 65 6.30 -1.28 -3.66
C PHE A 65 6.28 0.23 -3.89
N ASP A 66 6.99 0.68 -4.91
CA ASP A 66 7.03 2.11 -5.21
C ASP A 66 5.64 2.72 -5.13
N GLU A 67 4.70 2.14 -5.87
CA GLU A 67 3.32 2.64 -5.85
C GLU A 67 2.82 2.81 -4.42
N PHE A 68 3.18 1.86 -3.55
CA PHE A 68 2.75 1.92 -2.15
C PHE A 68 3.49 3.04 -1.42
N LEU A 69 4.78 3.15 -1.67
CA LEU A 69 5.59 4.18 -1.02
C LEU A 69 5.10 5.57 -1.44
N SER A 70 4.70 5.69 -2.70
CA SER A 70 4.21 6.97 -3.22
C SER A 70 2.94 7.38 -2.47
N LEU A 71 2.05 6.41 -2.26
CA LEU A 71 0.80 6.68 -1.56
C LEU A 71 1.07 7.25 -0.18
N MET A 72 2.08 6.71 0.50
CA MET A 72 2.43 7.19 1.83
C MET A 72 3.06 8.57 1.75
N ALA A 73 3.93 8.76 0.76
CA ALA A 73 4.60 10.05 0.61
C ALA A 73 3.60 11.19 0.68
N LYS A 74 2.47 11.03 0.00
CA LYS A 74 1.44 12.06 -0.01
C LYS A 74 0.59 11.99 1.26
N LYS A 75 0.11 10.79 1.59
CA LYS A 75 -0.71 10.63 2.79
C LYS A 75 0.07 11.06 4.02
N VAL A 76 1.23 10.45 4.24
CA VAL A 76 2.05 10.78 5.40
C VAL A 76 2.47 12.24 5.36
MG MG B . 0.36 -10.46 -3.87
MG MG C . 0.57 -1.34 -10.85
N ALA A 1 5.56 15.74 1.98
CA ALA A 1 7.01 15.46 1.77
C ALA A 1 7.58 14.82 3.04
N ASP A 2 7.64 13.49 3.05
CA ASP A 2 8.17 12.77 4.19
C ASP A 2 8.59 11.36 3.80
N ILE A 3 9.08 10.60 4.76
CA ILE A 3 9.52 9.23 4.51
C ILE A 3 9.01 8.29 5.60
N LEU A 4 8.80 7.03 5.23
CA LEU A 4 8.32 6.03 6.17
C LEU A 4 9.25 5.95 7.39
N SER A 5 8.77 5.35 8.47
CA SER A 5 9.55 5.20 9.69
C SER A 5 10.22 3.83 9.72
N GLU A 6 11.54 3.82 9.89
CA GLU A 6 12.29 2.56 9.93
C GLU A 6 11.49 1.47 10.64
N GLU A 7 11.39 1.58 11.96
CA GLU A 7 10.65 0.60 12.74
C GLU A 7 9.30 0.29 12.11
N GLN A 8 8.74 1.27 11.40
CA GLN A 8 7.45 1.07 10.75
C GLN A 8 7.62 0.30 9.44
N ILE A 9 8.81 0.38 8.86
CA ILE A 9 9.08 -0.34 7.60
C ILE A 9 9.08 -1.84 7.87
N VAL A 10 9.59 -2.23 9.03
CA VAL A 10 9.66 -3.64 9.39
C VAL A 10 8.28 -4.17 9.79
N ASP A 11 7.59 -3.40 10.62
CA ASP A 11 6.27 -3.79 11.08
C ASP A 11 5.35 -4.09 9.90
N PHE A 12 5.30 -3.17 8.95
CA PHE A 12 4.46 -3.35 7.77
C PHE A 12 4.97 -4.51 6.93
N LYS A 13 6.28 -4.58 6.74
CA LYS A 13 6.88 -5.65 5.95
C LYS A 13 6.49 -7.00 6.52
N GLU A 14 6.53 -7.12 7.85
CA GLU A 14 6.18 -8.38 8.50
C GLU A 14 4.75 -8.78 8.15
N ALA A 15 3.84 -7.82 8.22
CA ALA A 15 2.44 -8.08 7.90
C ALA A 15 2.28 -8.34 6.40
N PHE A 16 3.14 -7.72 5.60
CA PHE A 16 3.09 -7.89 4.16
C PHE A 16 3.51 -9.30 3.76
N GLY A 17 4.64 -9.74 4.29
CA GLY A 17 5.16 -11.07 3.99
C GLY A 17 4.22 -12.15 4.53
N LEU A 18 3.53 -11.85 5.61
CA LEU A 18 2.60 -12.81 6.19
C LEU A 18 1.36 -12.94 5.33
N PHE A 19 0.87 -11.81 4.82
CA PHE A 19 -0.33 -11.82 3.96
C PHE A 19 0.06 -12.05 2.51
N ASP A 20 1.36 -11.90 2.20
CA ASP A 20 1.84 -12.11 0.84
C ASP A 20 2.76 -13.32 0.79
N LYS A 21 2.24 -14.46 0.32
CA LYS A 21 3.04 -15.68 0.24
C LYS A 21 3.33 -16.03 -1.22
N ASP A 22 2.41 -15.67 -2.10
CA ASP A 22 2.57 -15.95 -3.53
C ASP A 22 3.99 -15.60 -3.99
N GLY A 23 4.69 -14.83 -3.15
CA GLY A 23 6.06 -14.43 -3.47
C GLY A 23 6.08 -13.45 -4.65
N ASP A 24 4.93 -13.29 -5.29
CA ASP A 24 4.82 -12.38 -6.42
C ASP A 24 5.38 -11.00 -6.06
N GLY A 25 5.61 -10.79 -4.78
CA GLY A 25 6.15 -9.52 -4.31
C GLY A 25 5.07 -8.45 -4.29
N CYS A 26 4.65 -8.03 -5.48
CA CYS A 26 3.62 -7.00 -5.59
C CYS A 26 2.27 -7.55 -5.15
N ILE A 27 1.29 -6.65 -5.01
CA ILE A 27 -0.05 -7.04 -4.59
C ILE A 27 -1.10 -6.28 -5.40
N THR A 28 -2.33 -6.76 -5.33
CA THR A 28 -3.44 -6.13 -6.06
C THR A 28 -4.05 -5.02 -5.21
N VAL A 29 -5.19 -4.51 -5.67
CA VAL A 29 -5.88 -3.45 -4.95
C VAL A 29 -6.69 -4.02 -3.79
N GLU A 30 -7.26 -5.21 -4.00
CA GLU A 30 -8.05 -5.86 -2.97
C GLU A 30 -7.19 -6.23 -1.78
N GLU A 31 -6.06 -6.90 -2.04
CA GLU A 31 -5.17 -7.31 -0.97
C GLU A 31 -5.01 -6.19 0.06
N LEU A 32 -4.47 -5.06 -0.37
CA LEU A 32 -4.28 -3.94 0.54
C LEU A 32 -5.61 -3.49 1.13
N ALA A 33 -6.65 -3.47 0.30
CA ALA A 33 -7.97 -3.05 0.77
C ALA A 33 -8.28 -3.66 2.12
N THR A 34 -8.46 -4.98 2.15
CA THR A 34 -8.75 -5.67 3.39
C THR A 34 -7.77 -5.27 4.48
N VAL A 35 -6.49 -5.36 4.17
CA VAL A 35 -5.45 -5.00 5.15
C VAL A 35 -5.73 -3.63 5.75
N ILE A 36 -6.36 -2.76 4.96
CA ILE A 36 -6.69 -1.41 5.43
C ILE A 36 -7.78 -1.50 6.51
N ARG A 37 -8.68 -2.45 6.34
CA ARG A 37 -9.76 -2.62 7.31
C ARG A 37 -9.23 -3.12 8.65
N SER A 38 -8.30 -4.07 8.60
CA SER A 38 -7.72 -4.62 9.82
C SER A 38 -6.87 -3.58 10.54
N LEU A 39 -6.13 -2.79 9.77
CA LEU A 39 -5.29 -1.76 10.34
C LEU A 39 -6.13 -0.76 11.11
N ASP A 40 -5.80 -0.55 12.37
CA ASP A 40 -6.54 0.37 13.22
C ASP A 40 -6.39 1.80 12.72
N GLN A 41 -6.95 2.06 11.53
CA GLN A 41 -6.87 3.40 10.94
C GLN A 41 -8.19 3.76 10.28
N ASN A 42 -8.32 5.00 9.82
CA ASN A 42 -9.53 5.47 9.17
C ASN A 42 -9.20 6.41 8.02
N PRO A 43 -8.59 5.90 6.98
CA PRO A 43 -8.20 6.72 5.79
C PRO A 43 -9.36 6.88 4.82
N THR A 44 -9.45 8.06 4.21
CA THR A 44 -10.52 8.34 3.25
C THR A 44 -10.38 7.42 2.04
N GLU A 45 -11.48 6.78 1.66
CA GLU A 45 -11.47 5.88 0.51
C GLU A 45 -11.34 6.67 -0.79
N GLU A 46 -11.98 7.83 -0.84
CA GLU A 46 -11.93 8.66 -2.04
C GLU A 46 -10.49 8.84 -2.50
N GLU A 47 -9.59 9.07 -1.54
CA GLU A 47 -8.19 9.27 -1.87
C GLU A 47 -7.64 8.05 -2.61
N LEU A 48 -7.71 6.88 -1.97
CA LEU A 48 -7.22 5.65 -2.59
C LEU A 48 -7.63 5.58 -4.06
N GLN A 49 -8.89 5.87 -4.33
CA GLN A 49 -9.38 5.83 -5.70
C GLN A 49 -8.56 6.77 -6.58
N ASP A 50 -8.38 8.00 -6.11
CA ASP A 50 -7.60 8.99 -6.87
C ASP A 50 -6.15 8.56 -7.01
N MET A 51 -5.52 8.20 -5.89
CA MET A 51 -4.12 7.80 -5.91
C MET A 51 -3.93 6.52 -6.74
N ILE A 52 -4.49 5.43 -6.27
CA ILE A 52 -4.36 4.14 -6.97
C ILE A 52 -4.56 4.35 -8.47
N SER A 53 -5.60 5.09 -8.84
CA SER A 53 -5.87 5.35 -10.25
C SER A 53 -4.88 6.37 -10.81
N GLU A 54 -4.26 7.15 -9.93
CA GLU A 54 -3.29 8.16 -10.36
C GLU A 54 -1.87 7.73 -10.02
N VAL A 55 -1.71 6.48 -9.58
CA VAL A 55 -0.39 5.94 -9.23
C VAL A 55 -0.11 4.67 -10.03
N ASP A 56 -1.15 3.90 -10.29
CA ASP A 56 -0.99 2.65 -11.04
C ASP A 56 -0.33 2.93 -12.39
N ALA A 57 1.00 2.95 -12.39
CA ALA A 57 1.75 3.20 -13.62
C ALA A 57 1.67 1.99 -14.55
N ASP A 58 1.97 0.81 -14.01
CA ASP A 58 1.93 -0.41 -14.80
C ASP A 58 0.65 -0.46 -15.63
N GLY A 59 -0.39 0.20 -15.14
CA GLY A 59 -1.67 0.22 -15.84
C GLY A 59 -2.41 -1.10 -15.67
N ASN A 60 -1.91 -1.94 -14.77
CA ASN A 60 -2.53 -3.24 -14.51
C ASN A 60 -3.56 -3.12 -13.39
N GLY A 61 -3.70 -1.92 -12.85
CA GLY A 61 -4.66 -1.69 -11.77
C GLY A 61 -4.28 -2.50 -10.53
N THR A 62 -3.01 -2.45 -10.16
CA THR A 62 -2.52 -3.18 -8.99
C THR A 62 -1.54 -2.33 -8.20
N ILE A 63 -1.35 -2.66 -6.93
CA ILE A 63 -0.44 -1.92 -6.06
C ILE A 63 0.93 -2.60 -6.05
N GLU A 64 1.98 -1.79 -5.92
CA GLU A 64 3.34 -2.32 -5.90
C GLU A 64 4.19 -1.57 -4.88
N PHE A 65 5.45 -1.95 -4.76
CA PHE A 65 6.36 -1.29 -3.83
C PHE A 65 6.36 0.21 -4.04
N ASP A 66 7.10 0.66 -5.06
CA ASP A 66 7.16 2.09 -5.36
C ASP A 66 5.77 2.71 -5.29
N GLU A 67 4.83 2.15 -6.02
CA GLU A 67 3.46 2.65 -6.02
C GLU A 67 2.96 2.85 -4.60
N PHE A 68 3.31 1.93 -3.71
CA PHE A 68 2.89 2.03 -2.32
C PHE A 68 3.65 3.14 -1.59
N LEU A 69 4.95 3.23 -1.86
CA LEU A 69 5.77 4.26 -1.23
C LEU A 69 5.33 5.65 -1.69
N SER A 70 5.02 5.78 -2.96
CA SER A 70 4.59 7.05 -3.51
C SER A 70 3.30 7.52 -2.84
N LEU A 71 2.38 6.58 -2.65
CA LEU A 71 1.11 6.88 -2.02
C LEU A 71 1.32 7.45 -0.62
N MET A 72 2.28 6.87 0.09
CA MET A 72 2.59 7.30 1.45
C MET A 72 3.28 8.67 1.44
N ALA A 73 4.26 8.81 0.55
CA ALA A 73 5.00 10.06 0.45
C ALA A 73 4.05 11.25 0.39
N LYS A 74 3.03 11.15 -0.45
CA LYS A 74 2.06 12.22 -0.59
C LYS A 74 1.04 12.19 0.54
N LYS A 75 0.48 11.02 0.79
CA LYS A 75 -0.52 10.87 1.84
C LYS A 75 0.06 11.30 3.19
N VAL A 76 1.17 10.67 3.57
CA VAL A 76 1.81 11.00 4.84
C VAL A 76 2.28 12.45 4.84
MG MG B . 0.40 -10.43 -3.84
MG MG C . 0.59 -1.39 -10.77
N ALA A 1 6.27 16.25 2.36
CA ALA A 1 7.69 15.93 2.11
C ALA A 1 8.29 15.28 3.36
N ASP A 2 8.35 13.95 3.36
CA ASP A 2 8.89 13.22 4.50
C ASP A 2 9.29 11.81 4.08
N ILE A 3 9.76 11.02 5.04
CA ILE A 3 10.18 9.65 4.76
C ILE A 3 9.63 8.70 5.83
N LEU A 4 9.38 7.45 5.43
CA LEU A 4 8.86 6.46 6.36
C LEU A 4 9.81 6.29 7.54
N SER A 5 9.32 5.64 8.60
CA SER A 5 10.12 5.41 9.79
C SER A 5 10.74 4.03 9.76
N GLU A 6 12.06 3.96 9.90
CA GLU A 6 12.77 2.68 9.87
C GLU A 6 11.96 1.59 10.59
N GLU A 7 11.90 1.69 11.90
CA GLU A 7 11.16 0.71 12.69
C GLU A 7 9.79 0.45 12.07
N GLN A 8 9.23 1.44 11.40
CA GLN A 8 7.92 1.29 10.78
C GLN A 8 8.04 0.54 9.46
N ILE A 9 9.22 0.61 8.84
CA ILE A 9 9.43 -0.09 7.58
C ILE A 9 9.39 -1.59 7.80
N VAL A 10 9.91 -2.03 8.95
CA VAL A 10 9.95 -3.45 9.27
C VAL A 10 8.57 -3.94 9.70
N ASP A 11 7.92 -3.16 10.54
CA ASP A 11 6.60 -3.53 11.03
C ASP A 11 5.66 -3.80 9.86
N PHE A 12 5.60 -2.87 8.92
CA PHE A 12 4.74 -3.02 7.75
C PHE A 12 5.21 -4.19 6.90
N LYS A 13 6.52 -4.27 6.66
CA LYS A 13 7.08 -5.34 5.86
C LYS A 13 6.67 -6.69 6.42
N GLU A 14 6.74 -6.83 7.74
CA GLU A 14 6.37 -8.09 8.39
C GLU A 14 4.92 -8.45 8.05
N ALA A 15 4.04 -7.47 8.13
CA ALA A 15 2.63 -7.70 7.82
C ALA A 15 2.45 -7.96 6.33
N PHE A 16 3.32 -7.36 5.52
CA PHE A 16 3.25 -7.53 4.07
C PHE A 16 3.65 -8.94 3.67
N GLY A 17 4.79 -9.40 4.17
CA GLY A 17 5.27 -10.74 3.85
C GLY A 17 4.30 -11.80 4.38
N LEU A 18 3.65 -11.50 5.50
CA LEU A 18 2.70 -12.45 6.08
C LEU A 18 1.46 -12.56 5.21
N PHE A 19 1.00 -11.43 4.69
CA PHE A 19 -0.18 -11.42 3.83
C PHE A 19 0.20 -11.70 2.39
N ASP A 20 1.50 -11.62 2.09
CA ASP A 20 1.98 -11.89 0.73
C ASP A 20 2.89 -13.12 0.73
N LYS A 21 2.35 -14.26 0.28
CA LYS A 21 3.13 -15.50 0.24
C LYS A 21 3.42 -15.89 -1.21
N ASP A 22 2.49 -15.56 -2.11
CA ASP A 22 2.67 -15.87 -3.52
C ASP A 22 4.07 -15.50 -3.99
N GLY A 23 4.77 -14.72 -3.17
CA GLY A 23 6.13 -14.29 -3.51
C GLY A 23 6.12 -13.37 -4.72
N ASP A 24 4.95 -13.21 -5.32
CA ASP A 24 4.81 -12.35 -6.50
C ASP A 24 5.35 -10.95 -6.20
N GLY A 25 5.63 -10.70 -4.92
CA GLY A 25 6.15 -9.39 -4.51
C GLY A 25 5.04 -8.35 -4.49
N CYS A 26 4.59 -7.96 -5.68
CA CYS A 26 3.52 -6.97 -5.78
C CYS A 26 2.21 -7.53 -5.25
N ILE A 27 1.23 -6.66 -5.08
CA ILE A 27 -0.08 -7.07 -4.57
C ILE A 27 -1.20 -6.40 -5.36
N THR A 28 -2.41 -6.92 -5.21
CA THR A 28 -3.56 -6.37 -5.92
C THR A 28 -4.18 -5.24 -5.11
N VAL A 29 -5.23 -4.63 -5.66
CA VAL A 29 -5.91 -3.54 -4.98
C VAL A 29 -6.73 -4.07 -3.80
N GLU A 30 -7.43 -5.18 -4.03
CA GLU A 30 -8.25 -5.78 -2.99
C GLU A 30 -7.38 -6.21 -1.81
N GLU A 31 -6.29 -6.90 -2.10
CA GLU A 31 -5.38 -7.35 -1.06
C GLU A 31 -5.18 -6.26 -0.01
N LEU A 32 -4.62 -5.14 -0.43
CA LEU A 32 -4.39 -4.04 0.49
C LEU A 32 -5.71 -3.53 1.05
N ALA A 33 -6.72 -3.44 0.20
CA ALA A 33 -8.02 -2.96 0.63
C ALA A 33 -8.41 -3.58 1.97
N THR A 34 -8.66 -4.88 1.96
CA THR A 34 -9.02 -5.59 3.16
C THR A 34 -8.07 -5.24 4.31
N VAL A 35 -6.77 -5.38 4.04
CA VAL A 35 -5.76 -5.06 5.05
C VAL A 35 -6.01 -3.69 5.66
N ILE A 36 -6.56 -2.79 4.85
CA ILE A 36 -6.85 -1.43 5.32
C ILE A 36 -7.95 -1.48 6.38
N ARG A 37 -8.88 -2.40 6.20
CA ARG A 37 -9.99 -2.53 7.14
C ARG A 37 -9.49 -3.05 8.49
N SER A 38 -8.59 -4.03 8.44
CA SER A 38 -8.05 -4.61 9.66
C SER A 38 -7.17 -3.60 10.39
N LEU A 39 -6.40 -2.83 9.63
CA LEU A 39 -5.53 -1.83 10.23
C LEU A 39 -6.34 -0.81 11.00
N ASP A 40 -6.00 -0.63 12.27
CA ASP A 40 -6.71 0.30 13.13
C ASP A 40 -6.52 1.73 12.62
N GLN A 41 -7.08 2.03 11.44
CA GLN A 41 -6.97 3.35 10.86
C GLN A 41 -8.28 3.75 10.18
N ASN A 42 -8.35 4.99 9.72
CA ASN A 42 -9.55 5.49 9.05
C ASN A 42 -9.18 6.44 7.91
N PRO A 43 -8.56 5.93 6.88
CA PRO A 43 -8.14 6.74 5.71
C PRO A 43 -9.28 6.95 4.71
N THR A 44 -9.32 8.14 4.10
CA THR A 44 -10.36 8.45 3.14
C THR A 44 -10.22 7.58 1.90
N GLU A 45 -11.32 6.98 1.48
CA GLU A 45 -11.31 6.10 0.30
C GLU A 45 -11.15 6.92 -0.98
N GLU A 46 -11.75 8.11 -0.99
CA GLU A 46 -11.66 8.98 -2.16
C GLU A 46 -10.22 9.13 -2.62
N GLU A 47 -9.31 9.32 -1.65
CA GLU A 47 -7.90 9.48 -1.98
C GLU A 47 -7.39 8.26 -2.74
N LEU A 48 -7.50 7.09 -2.11
CA LEU A 48 -7.04 5.85 -2.75
C LEU A 48 -7.48 5.80 -4.21
N GLN A 49 -8.73 6.13 -4.47
CA GLN A 49 -9.24 6.12 -5.83
C GLN A 49 -8.43 7.05 -6.71
N ASP A 50 -8.18 8.26 -6.22
CA ASP A 50 -7.41 9.24 -6.98
C ASP A 50 -5.97 8.76 -7.18
N MET A 51 -5.32 8.36 -6.09
CA MET A 51 -3.94 7.90 -6.17
C MET A 51 -3.82 6.65 -7.02
N ILE A 52 -4.45 5.57 -6.57
CA ILE A 52 -4.39 4.31 -7.32
C ILE A 52 -4.57 4.56 -8.81
N SER A 53 -5.58 5.35 -9.16
CA SER A 53 -5.84 5.65 -10.56
C SER A 53 -4.78 6.60 -11.11
N GLU A 54 -4.10 7.33 -10.22
CA GLU A 54 -3.06 8.27 -10.62
C GLU A 54 -1.67 7.73 -10.27
N VAL A 55 -1.62 6.46 -9.86
CA VAL A 55 -0.34 5.83 -9.50
C VAL A 55 -0.13 4.56 -10.32
N ASP A 56 -1.20 3.81 -10.54
CA ASP A 56 -1.11 2.58 -11.31
C ASP A 56 -0.45 2.84 -12.66
N ALA A 57 0.88 2.81 -12.68
CA ALA A 57 1.62 3.04 -13.91
C ALA A 57 1.57 1.80 -14.80
N ASP A 58 1.82 0.64 -14.20
CA ASP A 58 1.81 -0.61 -14.95
C ASP A 58 0.52 -0.74 -15.76
N GLY A 59 -0.57 -0.18 -15.23
CA GLY A 59 -1.85 -0.23 -15.93
C GLY A 59 -2.53 -1.57 -15.70
N ASN A 60 -1.97 -2.38 -14.80
CA ASN A 60 -2.54 -3.68 -14.49
C ASN A 60 -3.58 -3.57 -13.40
N GLY A 61 -3.76 -2.36 -12.88
CA GLY A 61 -4.74 -2.13 -11.82
C GLY A 61 -4.37 -2.89 -10.55
N THR A 62 -3.10 -2.79 -10.16
CA THR A 62 -2.63 -3.48 -8.95
C THR A 62 -1.62 -2.60 -8.22
N ILE A 63 -1.52 -2.82 -6.91
CA ILE A 63 -0.58 -2.05 -6.08
C ILE A 63 0.77 -2.74 -6.05
N GLU A 64 1.82 -1.96 -5.80
CA GLU A 64 3.18 -2.49 -5.74
C GLU A 64 4.00 -1.75 -4.69
N PHE A 65 5.28 -2.13 -4.58
CA PHE A 65 6.18 -1.49 -3.63
C PHE A 65 6.17 0.02 -3.83
N ASP A 66 6.86 0.48 -4.86
CA ASP A 66 6.92 1.92 -5.14
C ASP A 66 5.53 2.54 -5.07
N GLU A 67 4.59 1.99 -5.81
CA GLU A 67 3.24 2.51 -5.81
C GLU A 67 2.72 2.65 -4.38
N PHE A 68 3.03 1.66 -3.53
CA PHE A 68 2.60 1.70 -2.14
C PHE A 68 3.34 2.77 -1.36
N LEU A 69 4.64 2.84 -1.59
CA LEU A 69 5.47 3.83 -0.90
C LEU A 69 5.04 5.24 -1.28
N SER A 70 4.67 5.41 -2.55
CA SER A 70 4.24 6.71 -3.03
C SER A 70 2.98 7.17 -2.28
N LEU A 71 2.06 6.23 -2.10
CA LEU A 71 0.82 6.53 -1.40
C LEU A 71 1.10 7.06 -0.01
N MET A 72 2.10 6.46 0.65
CA MET A 72 2.46 6.88 1.99
C MET A 72 3.14 8.24 1.97
N ALA A 73 4.00 8.45 0.98
CA ALA A 73 4.72 9.71 0.86
C ALA A 73 3.75 10.88 0.95
N LYS A 74 2.62 10.77 0.26
CA LYS A 74 1.62 11.83 0.28
C LYS A 74 0.78 11.76 1.55
N LYS A 75 0.26 10.58 1.85
CA LYS A 75 -0.57 10.41 3.04
C LYS A 75 0.22 10.80 4.30
N VAL A 76 1.37 10.16 4.49
CA VAL A 76 2.20 10.44 5.66
C VAL A 76 2.65 11.90 5.63
MG MG B . 0.28 -10.51 -3.87
MG MG C . 0.44 -1.35 -10.92
N ALA A 1 5.80 15.88 2.16
CA ALA A 1 7.21 15.52 1.89
C ALA A 1 7.82 14.90 3.14
N ASP A 2 7.87 13.56 3.17
CA ASP A 2 8.43 12.85 4.32
C ASP A 2 8.84 11.45 3.90
N ILE A 3 9.36 10.69 4.87
CA ILE A 3 9.80 9.31 4.61
C ILE A 3 9.31 8.38 5.72
N LEU A 4 9.06 7.12 5.35
CA LEU A 4 8.59 6.14 6.31
C LEU A 4 9.56 6.05 7.47
N SER A 5 9.12 5.38 8.55
CA SER A 5 9.96 5.21 9.73
C SER A 5 10.60 3.83 9.75
N GLU A 6 11.92 3.79 9.88
CA GLU A 6 12.65 2.52 9.89
C GLU A 6 11.85 1.43 10.62
N GLU A 7 11.78 1.55 11.94
CA GLU A 7 11.04 0.57 12.73
C GLU A 7 9.67 0.29 12.12
N GLN A 8 9.12 1.27 11.42
CA GLN A 8 7.81 1.11 10.79
C GLN A 8 7.94 0.34 9.48
N ILE A 9 9.11 0.42 8.86
CA ILE A 9 9.33 -0.29 7.60
C ILE A 9 9.32 -1.79 7.85
N VAL A 10 9.83 -2.20 9.00
CA VAL A 10 9.88 -3.62 9.34
C VAL A 10 8.52 -4.12 9.77
N ASP A 11 7.86 -3.34 10.62
CA ASP A 11 6.54 -3.71 11.12
C ASP A 11 5.59 -4.00 9.96
N PHE A 12 5.54 -3.08 9.01
CA PHE A 12 4.66 -3.25 7.84
C PHE A 12 5.14 -4.41 6.99
N LYS A 13 6.44 -4.47 6.76
CA LYS A 13 7.00 -5.54 5.94
C LYS A 13 6.62 -6.90 6.52
N GLU A 14 6.71 -7.03 7.84
CA GLU A 14 6.36 -8.29 8.49
C GLU A 14 4.91 -8.67 8.20
N ALA A 15 4.02 -7.70 8.30
CA ALA A 15 2.60 -7.94 8.03
C ALA A 15 2.39 -8.20 6.55
N PHE A 16 3.20 -7.57 5.71
CA PHE A 16 3.09 -7.75 4.27
C PHE A 16 3.51 -9.16 3.86
N GLY A 17 4.65 -9.60 4.37
CA GLY A 17 5.15 -10.93 4.04
C GLY A 17 4.20 -12.01 4.57
N LEU A 18 3.53 -11.72 5.67
CA LEU A 18 2.59 -12.68 6.25
C LEU A 18 1.36 -12.80 5.37
N PHE A 19 0.90 -11.66 4.84
CA PHE A 19 -0.28 -11.65 3.98
C PHE A 19 0.12 -11.88 2.53
N ASP A 20 1.40 -11.75 2.23
CA ASP A 20 1.91 -11.97 0.87
C ASP A 20 2.84 -13.17 0.84
N LYS A 21 2.35 -14.31 0.36
CA LYS A 21 3.15 -15.52 0.28
C LYS A 21 3.42 -15.90 -1.17
N ASP A 22 2.48 -15.55 -2.04
CA ASP A 22 2.61 -15.85 -3.46
C ASP A 22 4.02 -15.50 -3.96
N GLY A 23 4.73 -14.72 -3.15
CA GLY A 23 6.09 -14.31 -3.52
C GLY A 23 6.08 -13.39 -4.74
N ASP A 24 4.90 -13.23 -5.33
CA ASP A 24 4.76 -12.38 -6.51
C ASP A 24 5.31 -10.98 -6.22
N GLY A 25 5.59 -10.72 -4.95
CA GLY A 25 6.12 -9.42 -4.55
C GLY A 25 5.02 -8.37 -4.56
N CYS A 26 4.58 -7.98 -5.74
CA CYS A 26 3.53 -6.97 -5.87
C CYS A 26 2.21 -7.52 -5.35
N ILE A 27 1.23 -6.62 -5.18
CA ILE A 27 -0.09 -7.01 -4.69
C ILE A 27 -1.17 -6.32 -5.49
N THR A 28 -2.40 -6.82 -5.36
CA THR A 28 -3.54 -6.26 -6.07
C THR A 28 -4.18 -5.14 -5.24
N VAL A 29 -5.30 -4.61 -5.73
CA VAL A 29 -6.00 -3.55 -5.03
C VAL A 29 -6.81 -4.12 -3.87
N GLU A 30 -7.38 -5.30 -4.08
CA GLU A 30 -8.19 -5.95 -3.04
C GLU A 30 -7.32 -6.33 -1.85
N GLU A 31 -6.21 -7.01 -2.13
CA GLU A 31 -5.31 -7.44 -1.06
C GLU A 31 -5.13 -6.32 -0.05
N LEU A 32 -4.59 -5.19 -0.49
CA LEU A 32 -4.38 -4.07 0.41
C LEU A 32 -5.70 -3.60 1.01
N ALA A 33 -6.75 -3.57 0.19
CA ALA A 33 -8.05 -3.13 0.66
C ALA A 33 -8.35 -3.74 2.03
N THR A 34 -8.56 -5.05 2.06
CA THR A 34 -8.85 -5.73 3.31
C THR A 34 -7.86 -5.33 4.39
N VAL A 35 -6.57 -5.42 4.08
CA VAL A 35 -5.54 -5.07 5.04
C VAL A 35 -5.80 -3.69 5.63
N ILE A 36 -6.41 -2.81 4.83
CA ILE A 36 -6.73 -1.47 5.29
C ILE A 36 -7.79 -1.54 6.38
N ARG A 37 -8.69 -2.50 6.25
CA ARG A 37 -9.77 -2.63 7.21
C ARG A 37 -9.23 -3.12 8.56
N SER A 38 -8.31 -4.07 8.51
CA SER A 38 -7.72 -4.61 9.72
C SER A 38 -6.85 -3.56 10.41
N LEU A 39 -6.12 -2.78 9.62
CA LEU A 39 -5.28 -1.74 10.18
C LEU A 39 -6.11 -0.73 10.94
N ASP A 40 -5.78 -0.54 12.21
CA ASP A 40 -6.50 0.40 13.06
C ASP A 40 -6.34 1.82 12.54
N GLN A 41 -6.91 2.10 11.37
CA GLN A 41 -6.82 3.43 10.77
C GLN A 41 -8.14 3.80 10.10
N ASN A 42 -8.24 5.04 9.64
CA ASN A 42 -9.47 5.52 8.99
C ASN A 42 -9.11 6.47 7.85
N PRO A 43 -8.51 5.96 6.80
CA PRO A 43 -8.11 6.76 5.61
C PRO A 43 -9.28 6.96 4.64
N THR A 44 -9.34 8.14 4.03
CA THR A 44 -10.41 8.43 3.08
C THR A 44 -10.27 7.55 1.84
N GLU A 45 -11.38 6.95 1.43
CA GLU A 45 -11.38 6.07 0.26
C GLU A 45 -11.23 6.88 -1.02
N GLU A 46 -11.81 8.07 -1.02
CA GLU A 46 -11.74 8.94 -2.20
C GLU A 46 -10.29 9.10 -2.65
N GLU A 47 -9.40 9.33 -1.70
CA GLU A 47 -7.99 9.52 -2.02
C GLU A 47 -7.44 8.29 -2.75
N LEU A 48 -7.52 7.13 -2.11
CA LEU A 48 -7.03 5.90 -2.70
C LEU A 48 -7.48 5.79 -4.16
N GLN A 49 -8.75 6.08 -4.41
CA GLN A 49 -9.27 6.03 -5.77
C GLN A 49 -8.48 6.96 -6.69
N ASP A 50 -8.26 8.19 -6.23
CA ASP A 50 -7.52 9.16 -7.02
C ASP A 50 -6.07 8.72 -7.22
N MET A 51 -5.41 8.37 -6.12
CA MET A 51 -4.01 7.94 -6.18
C MET A 51 -3.86 6.67 -6.99
N ILE A 52 -4.46 5.59 -6.51
CA ILE A 52 -4.38 4.31 -7.21
C ILE A 52 -4.55 4.51 -8.71
N SER A 53 -5.58 5.26 -9.09
CA SER A 53 -5.84 5.51 -10.50
C SER A 53 -4.81 6.46 -11.07
N GLU A 54 -4.16 7.23 -10.20
CA GLU A 54 -3.13 8.20 -10.64
C GLU A 54 -1.74 7.69 -10.26
N VAL A 55 -1.65 6.46 -9.80
CA VAL A 55 -0.36 5.87 -9.41
C VAL A 55 -0.10 4.58 -10.20
N ASP A 56 -1.15 3.81 -10.42
CA ASP A 56 -1.02 2.56 -11.15
C ASP A 56 -0.37 2.79 -12.50
N ALA A 57 0.97 2.80 -12.52
CA ALA A 57 1.71 3.02 -13.75
C ALA A 57 1.61 1.81 -14.66
N ASP A 58 1.88 0.63 -14.09
CA ASP A 58 1.83 -0.61 -14.85
C ASP A 58 0.54 -0.67 -15.67
N GLY A 59 -0.50 -0.01 -15.17
CA GLY A 59 -1.78 0.00 -15.86
C GLY A 59 -2.53 -1.32 -15.67
N ASN A 60 -2.02 -2.16 -14.77
CA ASN A 60 -2.63 -3.45 -14.49
C ASN A 60 -3.62 -3.33 -13.34
N GLY A 61 -3.76 -2.13 -12.81
CA GLY A 61 -4.69 -1.88 -11.70
C GLY A 61 -4.30 -2.71 -10.48
N THR A 62 -3.05 -2.56 -10.05
CA THR A 62 -2.55 -3.30 -8.89
C THR A 62 -1.55 -2.45 -8.10
N ILE A 63 -1.46 -2.72 -6.80
CA ILE A 63 -0.54 -1.98 -5.95
C ILE A 63 0.83 -2.66 -5.93
N GLU A 64 1.87 -1.87 -5.71
CA GLU A 64 3.24 -2.39 -5.67
C GLU A 64 4.08 -1.62 -4.66
N PHE A 65 5.36 -1.99 -4.56
CA PHE A 65 6.27 -1.32 -3.64
C PHE A 65 6.24 0.19 -3.87
N ASP A 66 6.93 0.64 -4.92
CA ASP A 66 6.98 2.05 -5.23
C ASP A 66 5.58 2.67 -5.16
N GLU A 67 4.64 2.09 -5.88
CA GLU A 67 3.27 2.58 -5.87
C GLU A 67 2.76 2.76 -4.44
N PHE A 68 3.10 1.81 -3.57
CA PHE A 68 2.69 1.88 -2.17
C PHE A 68 3.42 2.99 -1.44
N LEU A 69 4.72 3.09 -1.69
CA LEU A 69 5.54 4.12 -1.05
C LEU A 69 5.06 5.50 -1.46
N SER A 70 4.66 5.64 -2.72
CA SER A 70 4.17 6.92 -3.22
C SER A 70 2.92 7.35 -2.48
N LEU A 71 2.02 6.38 -2.26
CA LEU A 71 0.79 6.66 -1.56
C LEU A 71 1.07 7.25 -0.18
N MET A 72 2.08 6.69 0.49
CA MET A 72 2.44 7.16 1.82
C MET A 72 3.08 8.54 1.74
N ALA A 73 3.93 8.73 0.75
CA ALA A 73 4.62 10.01 0.56
C ALA A 73 3.63 11.16 0.65
N LYS A 74 2.49 11.01 -0.01
CA LYS A 74 1.47 12.05 0.00
C LYS A 74 0.64 11.97 1.27
N LYS A 75 0.14 10.79 1.58
CA LYS A 75 -0.68 10.61 2.78
C LYS A 75 0.09 11.04 4.02
N VAL A 76 1.26 10.44 4.22
CA VAL A 76 2.09 10.77 5.38
C VAL A 76 2.52 12.23 5.33
MG MG B . 0.41 -10.37 -3.86
MG MG C . 0.46 -1.42 -10.83
#